data_3GSR
#
_entry.id   3GSR
#
_cell.length_a   54.019
_cell.length_b   81.011
_cell.length_c   57.667
_cell.angle_alpha   90.000
_cell.angle_beta   114.560
_cell.angle_gamma   90.000
#
_symmetry.space_group_name_H-M   'P 1 21 1'
#
loop_
_entity.id
_entity.type
_entity.pdbx_description
1 polymer 'HLA class I histocompatibility antigen, A-2 alpha chain'
2 polymer Beta-2-microglobulin
3 polymer 'HCMV pp65 fragment 495-503, variant M5V (NLVPVVATV)'
4 water water
#
loop_
_entity_poly.entity_id
_entity_poly.type
_entity_poly.pdbx_seq_one_letter_code
_entity_poly.pdbx_strand_id
1 'polypeptide(L)'
;GSHSMRYFFTSVSRPGRGEPRFIAVGYVDDTQFVRFDSDAASQRMEPRAPWIEQEGPEYWDGETRKVKAHSQTHRVDLGT
LRGYYNQSEAGSHTVQRMYGCDVGSDWRFLRGYHQYAYDGKDYIALKEDLRSWTAADMAAQTTKHKWEAAHVAEQLRAYL
EGTCVEWLRRYLENGKETLQRTDAPKTHMTHHAVSDHEATLRCWALSFYPAEITLTWQRDGEDQTQDTELVETRPAGDGT
FQKWVAVVVPSGQEQRYTCHVQHEGLPKPLTLRW
;
A
2 'polypeptide(L)'
;MIQRTPKIQVYSRHPAENGKSNFLNCYVSGFHPSDIEVDLLKNGERIEKVEHSDLSFSKDWSFYLLYYTEFTPTEKDEYA
CRVNHVTLSQPKIVKWDRDM
;
B
3 'polypeptide(L)' NLVPVVATV P
#
# COMPACT_ATOMS: atom_id res chain seq x y z
N GLY A 1 6.61 -10.25 17.47
CA GLY A 1 7.54 -9.88 16.36
C GLY A 1 7.74 -8.37 16.28
N SER A 2 8.32 -7.92 15.18
CA SER A 2 8.63 -6.50 15.01
C SER A 2 7.38 -5.69 14.65
N HIS A 3 7.43 -4.38 14.89
CA HIS A 3 6.32 -3.48 14.56
C HIS A 3 6.85 -2.20 13.90
N SER A 4 5.96 -1.47 13.22
CA SER A 4 6.35 -0.22 12.61
C SER A 4 5.22 0.79 12.66
N MET A 5 5.59 2.06 12.65
CA MET A 5 4.66 3.14 12.36
C MET A 5 5.23 3.88 11.16
N ARG A 6 4.39 4.12 10.16
CA ARG A 6 4.82 4.80 8.93
C ARG A 6 3.78 5.81 8.48
N TYR A 7 4.25 6.95 8.01
CA TYR A 7 3.38 7.94 7.40
C TYR A 7 3.73 8.12 5.93
N PHE A 8 2.72 8.26 5.07
CA PHE A 8 2.92 8.44 3.62
C PHE A 8 2.20 9.70 3.20
N PHE A 9 2.87 10.53 2.39
CA PHE A 9 2.30 11.82 1.98
C PHE A 9 2.54 12.01 0.48
N THR A 10 1.51 12.46 -0.23
CA THR A 10 1.62 12.76 -1.65
C THR A 10 0.98 14.11 -1.93
N SER A 11 1.70 15.01 -2.61
CA SER A 11 1.07 16.20 -3.17
C SER A 11 1.24 16.23 -4.67
N VAL A 12 0.21 16.67 -5.40
CA VAL A 12 0.22 16.70 -6.86
C VAL A 12 -0.19 18.13 -7.27
N SER A 13 0.71 18.86 -7.92
CA SER A 13 0.40 20.24 -8.30
C SER A 13 -0.76 20.30 -9.32
N ARG A 14 -1.50 21.40 -9.23
CA ARG A 14 -2.62 21.69 -10.10
C ARG A 14 -2.34 23.04 -10.77
N PRO A 15 -1.69 22.99 -11.94
CA PRO A 15 -1.09 24.14 -12.63
C PRO A 15 -2.04 25.31 -12.93
N GLY A 16 -3.26 25.00 -13.37
CA GLY A 16 -4.18 26.04 -13.84
C GLY A 16 -4.74 26.95 -12.76
N ARG A 17 -5.04 26.38 -11.59
CA ARG A 17 -5.63 27.16 -10.50
C ARG A 17 -5.49 26.45 -9.15
N GLY A 18 -5.08 27.21 -8.13
CA GLY A 18 -5.18 26.78 -6.74
C GLY A 18 -4.03 25.91 -6.25
N GLU A 19 -4.20 25.41 -5.03
CA GLU A 19 -3.20 24.61 -4.31
C GLU A 19 -3.12 23.15 -4.77
N PRO A 20 -1.99 22.46 -4.48
CA PRO A 20 -1.86 21.05 -4.81
C PRO A 20 -2.88 20.17 -4.09
N ARG A 21 -3.24 19.03 -4.69
CA ARG A 21 -3.98 17.97 -4.01
C ARG A 21 -3.02 17.28 -3.03
N PHE A 22 -3.39 17.22 -1.74
CA PHE A 22 -2.53 16.66 -0.69
C PHE A 22 -3.24 15.50 0.05
N ILE A 23 -2.58 14.34 0.14
CA ILE A 23 -3.16 13.15 0.82
C ILE A 23 -2.11 12.56 1.76
N ALA A 24 -2.47 12.42 3.04
CA ALA A 24 -1.61 11.87 4.08
C ALA A 24 -2.28 10.65 4.70
N VAL A 25 -1.52 9.58 4.89
CA VAL A 25 -2.04 8.37 5.55
C VAL A 25 -1.03 7.85 6.57
N GLY A 26 -1.53 7.33 7.69
CA GLY A 26 -0.66 6.78 8.73
C GLY A 26 -1.00 5.33 8.97
N TYR A 27 0.04 4.51 9.17
CA TYR A 27 -0.10 3.09 9.40
C TYR A 27 0.65 2.67 10.63
N VAL A 28 0.08 1.70 11.34
CA VAL A 28 0.84 0.90 12.27
C VAL A 28 0.83 -0.50 11.66
N ASP A 29 2.03 -1.03 11.39
CA ASP A 29 2.16 -2.29 10.67
C ASP A 29 1.36 -2.19 9.37
N ASP A 30 0.44 -3.11 9.13
CA ASP A 30 -0.39 -3.06 7.92
C ASP A 30 -1.79 -2.49 8.16
N THR A 31 -1.98 -1.74 9.24
CA THR A 31 -3.28 -1.15 9.54
C THR A 31 -3.27 0.37 9.39
N GLN A 32 -4.11 0.91 8.50
CA GLN A 32 -4.23 2.35 8.39
C GLN A 32 -4.99 2.88 9.60
N PHE A 33 -4.49 3.95 10.22
CA PHE A 33 -5.18 4.49 11.40
C PHE A 33 -5.63 5.94 11.32
N VAL A 34 -5.00 6.73 10.44
CA VAL A 34 -5.41 8.13 10.22
C VAL A 34 -5.31 8.52 8.74
N ARG A 35 -6.05 9.55 8.36
CA ARG A 35 -5.91 10.15 7.03
C ARG A 35 -6.20 11.65 7.05
N PHE A 36 -5.64 12.35 6.07
CA PHE A 36 -6.04 13.71 5.72
C PHE A 36 -6.09 13.78 4.20
N ASP A 37 -7.15 14.37 3.66
CA ASP A 37 -7.25 14.59 2.21
C ASP A 37 -7.62 16.05 2.05
N SER A 38 -6.83 16.82 1.32
CA SER A 38 -7.13 18.24 1.12
C SER A 38 -8.47 18.46 0.39
N ASP A 39 -8.94 17.46 -0.35
CA ASP A 39 -10.21 17.58 -1.07
C ASP A 39 -11.44 17.32 -0.20
N ALA A 40 -11.24 16.69 0.96
CA ALA A 40 -12.35 16.37 1.86
C ALA A 40 -12.87 17.62 2.59
N ALA A 41 -14.13 17.56 3.02
CA ALA A 41 -14.79 18.73 3.63
C ALA A 41 -14.27 19.15 5.00
N SER A 42 -13.85 18.18 5.82
CA SER A 42 -13.52 18.47 7.23
C SER A 42 -12.27 19.31 7.47
N GLN A 43 -11.28 19.18 6.59
CA GLN A 43 -9.97 19.80 6.78
C GLN A 43 -9.38 19.47 8.14
N ARG A 44 -9.61 18.23 8.59
CA ARG A 44 -9.07 17.69 9.84
C ARG A 44 -8.37 16.38 9.56
N MET A 45 -7.37 16.03 10.36
CA MET A 45 -6.91 14.64 10.45
C MET A 45 -8.07 13.77 10.94
N GLU A 46 -8.34 12.66 10.25
CA GLU A 46 -9.48 11.79 10.56
C GLU A 46 -9.05 10.40 11.02
N PRO A 47 -9.77 9.82 12.01
CA PRO A 47 -9.54 8.43 12.43
C PRO A 47 -9.93 7.40 11.36
N ARG A 48 -9.18 6.32 11.28
CA ARG A 48 -9.44 5.22 10.35
C ARG A 48 -9.32 3.84 11.02
N ALA A 49 -9.06 3.84 12.32
CA ALA A 49 -9.06 2.62 13.15
C ALA A 49 -9.79 2.94 14.46
N PRO A 50 -10.59 1.99 14.99
CA PRO A 50 -11.35 2.34 16.21
C PRO A 50 -10.47 2.70 17.41
N TRP A 51 -9.32 2.04 17.58
CA TRP A 51 -8.43 2.30 18.71
C TRP A 51 -7.80 3.69 18.79
N ILE A 52 -7.74 4.40 17.66
CA ILE A 52 -7.24 5.78 17.67
C ILE A 52 -8.32 6.78 18.13
N GLU A 53 -9.58 6.36 18.13
CA GLU A 53 -10.68 7.22 18.61
C GLU A 53 -10.62 7.46 20.13
N GLN A 54 -9.82 6.65 20.83
CA GLN A 54 -9.49 6.84 22.24
C GLN A 54 -8.83 8.20 22.49
N GLU A 55 -8.12 8.70 21.49
CA GLU A 55 -7.42 9.98 21.62
C GLU A 55 -8.40 11.15 21.67
N GLY A 56 -8.08 12.13 22.50
CA GLY A 56 -8.97 13.29 22.71
C GLY A 56 -8.74 14.45 21.75
N PRO A 57 -9.52 15.53 21.93
CA PRO A 57 -9.53 16.73 21.10
C PRO A 57 -8.16 17.34 20.86
N GLU A 58 -7.31 17.34 21.88
CA GLU A 58 -5.98 17.95 21.78
C GLU A 58 -5.09 17.20 20.79
N TYR A 59 -5.20 15.87 20.78
CA TYR A 59 -4.47 15.05 19.80
C TYR A 59 -4.92 15.42 18.38
N TRP A 60 -6.23 15.44 18.15
CA TRP A 60 -6.78 15.74 16.83
C TRP A 60 -6.49 17.15 16.35
N ASP A 61 -6.52 18.13 17.25
CA ASP A 61 -6.10 19.50 16.93
C ASP A 61 -4.62 19.56 16.57
N GLY A 62 -3.78 18.88 17.36
CA GLY A 62 -2.34 18.88 17.13
C GLY A 62 -1.92 18.17 15.84
N GLU A 63 -2.57 17.05 15.55
CA GLU A 63 -2.30 16.30 14.32
C GLU A 63 -2.80 17.04 13.09
N THR A 64 -3.92 17.74 13.23
CA THR A 64 -4.43 18.58 12.16
C THR A 64 -3.48 19.76 11.86
N ARG A 65 -3.02 20.43 12.91
CA ARG A 65 -2.04 21.52 12.76
C ARG A 65 -0.80 21.02 12.02
N LYS A 66 -0.23 19.92 12.50
CA LYS A 66 0.97 19.33 11.92
C LYS A 66 0.78 18.90 10.47
N VAL A 67 -0.35 18.25 10.17
CA VAL A 67 -0.55 17.74 8.80
C VAL A 67 -0.73 18.89 7.78
N LYS A 68 -1.33 20.00 8.23
CA LYS A 68 -1.49 21.18 7.38
C LYS A 68 -0.16 21.85 7.16
N ALA A 69 0.67 21.87 8.20
CA ALA A 69 2.06 22.32 8.08
C ALA A 69 2.86 21.46 7.10
N HIS A 70 2.61 20.15 7.11
CA HIS A 70 3.20 19.25 6.12
C HIS A 70 2.78 19.64 4.70
N SER A 71 1.48 19.87 4.54
CA SER A 71 0.89 20.25 3.26
CA SER A 71 0.91 20.23 3.25
C SER A 71 1.52 21.52 2.69
N GLN A 72 1.75 22.50 3.57
CA GLN A 72 2.38 23.74 3.13
C GLN A 72 3.85 23.58 2.73
N THR A 73 4.60 22.75 3.45
CA THR A 73 5.98 22.43 3.05
C THR A 73 6.03 21.83 1.65
N HIS A 74 5.13 20.87 1.38
CA HIS A 74 5.02 20.25 0.06
C HIS A 74 4.66 21.25 -1.04
N ARG A 75 3.75 22.17 -0.73
CA ARG A 75 3.36 23.23 -1.68
C ARG A 75 4.58 24.10 -2.06
N VAL A 76 5.29 24.58 -1.06
CA VAL A 76 6.55 25.32 -1.27
C VAL A 76 7.59 24.50 -2.05
N ASP A 77 7.75 23.23 -1.68
CA ASP A 77 8.70 22.34 -2.36
C ASP A 77 8.41 22.18 -3.85
N LEU A 78 7.14 21.94 -4.19
CA LEU A 78 6.74 21.86 -5.61
C LEU A 78 7.21 23.07 -6.45
N GLY A 79 7.14 24.25 -5.86
CA GLY A 79 7.59 25.49 -6.51
C GLY A 79 9.10 25.54 -6.59
N THR A 80 9.77 25.22 -5.49
CA THR A 80 11.24 25.20 -5.44
C THR A 80 11.83 24.21 -6.46
N LEU A 81 11.23 23.03 -6.53
CA LEU A 81 11.72 21.95 -7.37
C LEU A 81 11.54 22.25 -8.86
N ARG A 82 10.40 22.85 -9.20
CA ARG A 82 10.14 23.35 -10.55
C ARG A 82 11.28 24.30 -10.97
N GLY A 83 11.67 25.16 -10.05
CA GLY A 83 12.79 26.08 -10.24
C GLY A 83 14.15 25.38 -10.33
N TYR A 84 14.40 24.44 -9.42
CA TYR A 84 15.65 23.66 -9.42
C TYR A 84 15.84 22.91 -10.72
N TYR A 85 14.74 22.41 -11.27
CA TYR A 85 14.77 21.57 -12.47
C TYR A 85 14.43 22.30 -13.77
N ASN A 86 14.33 23.62 -13.70
CA ASN A 86 14.02 24.48 -14.85
C ASN A 86 12.79 24.03 -15.63
N GLN A 87 11.72 23.75 -14.90
CA GLN A 87 10.49 23.27 -15.51
C GLN A 87 9.47 24.40 -15.62
N SER A 88 8.54 24.24 -16.56
CA SER A 88 7.50 25.23 -16.80
C SER A 88 6.35 25.07 -15.81
N GLU A 89 5.44 26.05 -15.80
CA GLU A 89 4.26 26.00 -14.94
C GLU A 89 3.10 25.24 -15.55
N ALA A 90 3.32 24.66 -16.73
CA ALA A 90 2.24 24.00 -17.45
C ALA A 90 1.91 22.61 -16.90
N GLY A 91 2.92 21.88 -16.47
CA GLY A 91 2.76 20.47 -16.13
C GLY A 91 2.44 20.22 -14.68
N SER A 92 1.82 19.07 -14.43
CA SER A 92 1.57 18.62 -13.07
C SER A 92 2.80 17.86 -12.59
N HIS A 93 3.20 18.11 -11.34
CA HIS A 93 4.31 17.38 -10.74
C HIS A 93 3.93 16.85 -9.35
N THR A 94 4.73 15.91 -8.85
CA THR A 94 4.39 15.15 -7.64
C THR A 94 5.57 15.17 -6.67
N VAL A 95 5.28 15.35 -5.38
CA VAL A 95 6.23 15.07 -4.31
C VAL A 95 5.64 13.97 -3.44
N GLN A 96 6.51 13.05 -3.02
CA GLN A 96 6.12 11.96 -2.11
C GLN A 96 7.12 11.91 -0.97
N ARG A 97 6.60 11.69 0.25
CA ARG A 97 7.42 11.62 1.45
C ARG A 97 6.98 10.41 2.26
N MET A 98 7.92 9.70 2.85
CA MET A 98 7.58 8.61 3.75
C MET A 98 8.55 8.69 4.90
N TYR A 99 8.02 8.58 6.11
CA TYR A 99 8.87 8.45 7.29
C TYR A 99 8.26 7.57 8.35
N GLY A 100 9.09 7.11 9.28
CA GLY A 100 8.63 6.28 10.38
C GLY A 100 9.74 5.54 11.09
N CYS A 101 9.34 4.66 12.00
CA CYS A 101 10.25 3.90 12.86
C CYS A 101 9.84 2.43 12.92
N ASP A 102 10.85 1.56 13.07
CA ASP A 102 10.66 0.13 13.33
C ASP A 102 11.12 -0.18 14.75
N VAL A 103 10.44 -1.12 15.40
CA VAL A 103 10.85 -1.66 16.70
C VAL A 103 10.88 -3.19 16.61
N GLY A 104 11.73 -3.83 17.41
CA GLY A 104 11.80 -5.29 17.39
C GLY A 104 10.75 -5.88 18.31
N SER A 105 10.88 -7.19 18.58
CA SER A 105 9.94 -7.90 19.46
C SER A 105 9.89 -7.31 20.87
N ASP A 106 10.98 -6.68 21.29
CA ASP A 106 11.06 -6.01 22.60
C ASP A 106 10.44 -4.61 22.59
N TRP A 107 9.97 -4.17 21.43
CA TRP A 107 9.38 -2.84 21.25
C TRP A 107 10.38 -1.68 21.45
N ARG A 108 11.66 -1.98 21.32
CA ARG A 108 12.71 -0.95 21.37
C ARG A 108 13.07 -0.51 19.96
N PHE A 109 13.46 0.76 19.82
CA PHE A 109 13.91 1.30 18.54
C PHE A 109 14.87 0.37 17.80
N LEU A 110 14.58 0.13 16.52
CA LEU A 110 15.43 -0.65 15.63
C LEU A 110 15.98 0.18 14.48
N ARG A 111 15.07 0.85 13.77
CA ARG A 111 15.40 1.58 12.54
C ARG A 111 14.49 2.80 12.44
N GLY A 112 15.00 3.87 11.85
CA GLY A 112 14.21 5.05 11.49
C GLY A 112 14.45 5.39 10.03
N TYR A 113 13.49 6.06 9.39
CA TYR A 113 13.66 6.43 7.99
C TYR A 113 12.88 7.70 7.64
N HIS A 114 13.35 8.38 6.61
CA HIS A 114 12.71 9.60 6.14
C HIS A 114 13.19 9.80 4.71
N GLN A 115 12.31 9.57 3.74
CA GLN A 115 12.68 9.71 2.34
C GLN A 115 11.70 10.54 1.55
N TYR A 116 12.20 11.10 0.45
CA TYR A 116 11.47 12.08 -0.35
C TYR A 116 11.76 11.85 -1.83
N ALA A 117 10.71 11.91 -2.65
CA ALA A 117 10.80 11.70 -4.10
C ALA A 117 10.12 12.85 -4.84
N TYR A 118 10.69 13.20 -5.99
CA TYR A 118 10.09 14.19 -6.91
C TYR A 118 9.84 13.50 -8.23
N ASP A 119 8.61 13.62 -8.72
CA ASP A 119 8.13 12.93 -9.92
C ASP A 119 8.50 11.44 -9.94
N GLY A 120 8.36 10.79 -8.79
CA GLY A 120 8.56 9.35 -8.67
C GLY A 120 10.01 8.90 -8.64
N LYS A 121 10.93 9.85 -8.52
CA LYS A 121 12.36 9.53 -8.42
C LYS A 121 12.93 9.96 -7.08
N ASP A 122 13.81 9.13 -6.51
CA ASP A 122 14.59 9.50 -5.32
C ASP A 122 15.07 10.93 -5.44
N TYR A 123 14.83 11.72 -4.40
CA TYR A 123 15.40 13.04 -4.33
C TYR A 123 16.41 13.08 -3.19
N ILE A 124 15.93 12.98 -1.96
CA ILE A 124 16.81 12.95 -0.78
C ILE A 124 16.27 12.02 0.31
N ALA A 125 17.18 11.33 1.01
CA ALA A 125 16.79 10.43 2.10
C ALA A 125 17.78 10.50 3.25
N LEU A 126 17.26 10.34 4.47
CA LEU A 126 18.10 10.22 5.65
C LEU A 126 18.79 8.86 5.59
N LYS A 127 20.10 8.84 5.86
CA LYS A 127 20.84 7.57 5.94
C LYS A 127 20.45 6.79 7.20
N GLU A 128 20.82 5.51 7.24
CA GLU A 128 20.47 4.60 8.34
C GLU A 128 20.91 5.09 9.71
N ASP A 129 22.05 5.77 9.76
CA ASP A 129 22.58 6.34 11.00
C ASP A 129 21.78 7.54 11.54
N LEU A 130 20.88 8.08 10.71
CA LEU A 130 20.05 9.25 11.06
C LEU A 130 20.89 10.51 11.32
N ARG A 131 22.09 10.55 10.74
CA ARG A 131 23.01 11.65 10.96
C ARG A 131 23.31 12.42 9.68
N SER A 132 23.11 11.77 8.53
CA SER A 132 23.44 12.39 7.25
C SER A 132 22.44 12.01 6.16
N TRP A 133 22.65 12.58 4.97
CA TRP A 133 21.69 12.50 3.87
C TRP A 133 22.27 11.87 2.61
N THR A 134 21.42 11.16 1.88
CA THR A 134 21.73 10.66 0.54
C THR A 134 21.00 11.58 -0.45
N ALA A 135 21.77 12.30 -1.25
CA ALA A 135 21.22 13.22 -2.26
C ALA A 135 21.48 12.62 -3.63
N ALA A 136 20.43 12.46 -4.43
CA ALA A 136 20.50 11.72 -5.70
C ALA A 136 21.20 12.49 -6.82
N ASP A 137 21.03 13.81 -6.84
CA ASP A 137 21.56 14.67 -7.91
C ASP A 137 21.97 16.04 -7.35
N MET A 138 22.35 16.97 -8.23
CA MET A 138 22.88 18.27 -7.76
C MET A 138 21.81 19.18 -7.14
N ALA A 139 20.57 19.05 -7.59
CA ALA A 139 19.43 19.70 -6.91
C ALA A 139 19.34 19.26 -5.45
N ALA A 140 19.26 17.94 -5.24
CA ALA A 140 19.19 17.36 -3.90
C ALA A 140 20.42 17.70 -3.03
N GLN A 141 21.57 17.85 -3.68
CA GLN A 141 22.81 18.26 -3.02
CA GLN A 141 22.79 18.24 -2.98
C GLN A 141 22.68 19.66 -2.40
N THR A 142 22.05 20.56 -3.13
CA THR A 142 21.78 21.90 -2.62
C THR A 142 20.88 21.82 -1.37
N THR A 143 19.83 21.00 -1.43
CA THR A 143 19.01 20.73 -0.26
C THR A 143 19.83 20.16 0.90
N LYS A 144 20.64 19.14 0.62
CA LYS A 144 21.52 18.54 1.62
C LYS A 144 22.32 19.62 2.38
N HIS A 145 22.97 20.52 1.63
CA HIS A 145 23.76 21.60 2.21
C HIS A 145 22.91 22.50 3.12
N LYS A 146 21.72 22.87 2.63
CA LYS A 146 20.74 23.67 3.39
C LYS A 146 20.39 22.99 4.72
N TRP A 147 20.08 21.70 4.66
CA TRP A 147 19.67 20.91 5.81
C TRP A 147 20.82 20.64 6.81
N GLU A 148 22.04 20.46 6.29
CA GLU A 148 23.21 20.33 7.15
C GLU A 148 23.45 21.62 7.95
N ALA A 149 23.43 22.76 7.27
CA ALA A 149 23.63 24.06 7.92
C ALA A 149 22.60 24.31 9.02
N ALA A 150 21.36 23.86 8.78
CA ALA A 150 20.25 24.09 9.70
C ALA A 150 20.02 22.95 10.70
N HIS A 151 20.88 21.93 10.65
CA HIS A 151 20.82 20.78 11.57
C HIS A 151 19.47 20.07 11.59
N VAL A 152 18.87 19.94 10.40
CA VAL A 152 17.57 19.29 10.22
C VAL A 152 17.59 17.85 10.72
N ALA A 153 18.67 17.14 10.43
CA ALA A 153 18.81 15.72 10.77
C ALA A 153 18.69 15.45 12.26
N GLU A 154 19.23 16.36 13.06
CA GLU A 154 19.23 16.24 14.52
C GLU A 154 17.82 16.27 15.09
N GLN A 155 16.98 17.12 14.52
CA GLN A 155 15.58 17.28 14.92
C GLN A 155 14.79 16.02 14.53
N LEU A 156 15.02 15.53 13.32
CA LEU A 156 14.37 14.31 12.84
C LEU A 156 14.78 13.07 13.64
N ARG A 157 16.08 12.97 13.95
CA ARG A 157 16.60 11.82 14.72
C ARG A 157 15.91 11.74 16.09
N ALA A 158 15.78 12.88 16.75
CA ALA A 158 15.06 12.96 18.03
C ALA A 158 13.64 12.42 17.92
N TYR A 159 12.93 12.82 16.87
CA TYR A 159 11.57 12.32 16.65
C TYR A 159 11.56 10.80 16.42
N LEU A 160 12.39 10.34 15.48
CA LEU A 160 12.40 8.94 15.03
C LEU A 160 12.78 7.93 16.13
N GLU A 161 13.74 8.32 16.97
CA GLU A 161 14.23 7.46 18.07
C GLU A 161 13.40 7.59 19.34
N GLY A 162 12.74 8.74 19.49
CA GLY A 162 11.98 9.05 20.70
C GLY A 162 10.49 9.00 20.51
N THR A 163 9.92 10.12 20.09
CA THR A 163 8.47 10.29 19.92
C THR A 163 7.83 9.19 19.08
N CYS A 164 8.43 8.88 17.95
CA CYS A 164 7.88 7.90 17.03
C CYS A 164 7.68 6.56 17.75
N VAL A 165 8.74 6.10 18.42
CA VAL A 165 8.73 4.84 19.17
C VAL A 165 7.75 4.88 20.34
N GLU A 166 7.76 5.98 21.07
CA GLU A 166 6.87 6.16 22.22
C GLU A 166 5.39 6.04 21.84
N TRP A 167 4.99 6.71 20.76
CA TRP A 167 3.60 6.70 20.31
C TRP A 167 3.21 5.38 19.63
N LEU A 168 4.14 4.79 18.87
CA LEU A 168 3.94 3.42 18.38
C LEU A 168 3.60 2.44 19.52
N ARG A 169 4.42 2.44 20.58
CA ARG A 169 4.16 1.58 21.74
CA ARG A 169 4.18 1.59 21.77
C ARG A 169 2.80 1.89 22.35
N ARG A 170 2.46 3.17 22.43
CA ARG A 170 1.14 3.59 22.90
C ARG A 170 0.00 3.06 22.03
N TYR A 171 0.14 3.20 20.70
CA TYR A 171 -0.87 2.68 19.77
C TYR A 171 -1.02 1.15 19.87
N LEU A 172 0.10 0.44 19.98
CA LEU A 172 0.09 -1.03 20.06
C LEU A 172 -0.67 -1.55 21.28
N GLU A 173 -0.55 -0.80 22.38
CA GLU A 173 -1.25 -1.13 23.62
CA GLU A 173 -1.27 -1.15 23.61
C GLU A 173 -2.76 -0.84 23.50
N ASN A 174 -3.09 0.37 23.05
CA ASN A 174 -4.50 0.77 22.87
C ASN A 174 -5.24 -0.08 21.83
N GLY A 175 -4.52 -0.51 20.79
CA GLY A 175 -5.12 -1.35 19.76
C GLY A 175 -4.77 -2.82 19.89
N LYS A 176 -4.35 -3.23 21.08
CA LYS A 176 -3.81 -4.56 21.31
C LYS A 176 -4.69 -5.68 20.74
N GLU A 177 -6.01 -5.52 20.86
CA GLU A 177 -6.94 -6.59 20.49
C GLU A 177 -6.84 -7.00 19.01
N THR A 178 -6.51 -6.04 18.15
CA THR A 178 -6.31 -6.31 16.72
C THR A 178 -4.85 -6.19 16.30
N LEU A 179 -4.18 -5.13 16.77
CA LEU A 179 -2.78 -4.86 16.40
C LEU A 179 -1.78 -5.94 16.84
N GLN A 180 -2.06 -6.57 17.97
CA GLN A 180 -1.16 -7.62 18.50
C GLN A 180 -1.69 -9.03 18.24
N ARG A 181 -2.73 -9.11 17.42
CA ARG A 181 -3.32 -10.38 17.01
C ARG A 181 -2.81 -10.76 15.63
N THR A 182 -2.48 -12.04 15.44
CA THR A 182 -2.17 -12.57 14.11
C THR A 182 -3.34 -13.37 13.59
N ASP A 183 -3.62 -13.22 12.30
CA ASP A 183 -4.67 -13.99 11.66
C ASP A 183 -3.97 -14.93 10.69
N ALA A 184 -4.03 -16.23 10.99
CA ALA A 184 -3.40 -17.27 10.17
C ALA A 184 -4.13 -17.36 8.84
N PRO A 185 -3.40 -17.61 7.73
CA PRO A 185 -4.08 -17.73 6.46
C PRO A 185 -5.04 -18.91 6.45
N LYS A 186 -6.20 -18.71 5.84
CA LYS A 186 -7.11 -19.80 5.55
C LYS A 186 -6.75 -20.30 4.15
N THR A 187 -6.30 -21.55 4.07
CA THR A 187 -5.74 -22.09 2.82
C THR A 187 -6.60 -23.17 2.19
N HIS A 188 -6.68 -23.15 0.85
CA HIS A 188 -7.27 -24.24 0.07
C HIS A 188 -6.63 -24.28 -1.33
N MET A 189 -6.94 -25.32 -2.10
CA MET A 189 -6.36 -25.51 -3.42
C MET A 189 -7.45 -25.78 -4.44
N THR A 190 -7.33 -25.15 -5.62
CA THR A 190 -8.27 -25.40 -6.71
C THR A 190 -7.56 -26.04 -7.91
N HIS A 191 -8.35 -26.71 -8.74
CA HIS A 191 -7.84 -27.44 -9.92
C HIS A 191 -8.58 -26.96 -11.17
N HIS A 192 -7.86 -26.79 -12.26
CA HIS A 192 -8.45 -26.44 -13.54
C HIS A 192 -7.78 -27.23 -14.66
N ALA A 193 -8.57 -27.69 -15.63
CA ALA A 193 -8.05 -28.41 -16.76
C ALA A 193 -7.98 -27.46 -17.94
N VAL A 194 -6.77 -27.25 -18.48
CA VAL A 194 -6.65 -26.40 -19.68
C VAL A 194 -6.91 -27.23 -20.96
N SER A 195 -6.45 -28.47 -20.96
CA SER A 195 -6.64 -29.40 -22.06
C SER A 195 -6.65 -30.83 -21.50
N ASP A 196 -6.60 -31.83 -22.39
CA ASP A 196 -6.59 -33.23 -21.94
C ASP A 196 -5.29 -33.61 -21.21
N HIS A 197 -4.25 -32.81 -21.39
CA HIS A 197 -2.93 -33.19 -20.89
C HIS A 197 -2.31 -32.22 -19.87
N GLU A 198 -2.92 -31.04 -19.71
CA GLU A 198 -2.37 -29.95 -18.88
C GLU A 198 -3.37 -29.58 -17.79
N ALA A 199 -2.88 -29.37 -16.56
CA ALA A 199 -3.72 -28.94 -15.43
C ALA A 199 -3.12 -27.76 -14.68
N THR A 200 -3.96 -26.90 -14.13
CA THR A 200 -3.50 -25.81 -13.26
C THR A 200 -3.90 -26.09 -11.81
N LEU A 201 -2.92 -26.10 -10.92
CA LEU A 201 -3.20 -26.14 -9.48
C LEU A 201 -2.98 -24.76 -8.89
N ARG A 202 -3.94 -24.29 -8.09
CA ARG A 202 -3.81 -22.97 -7.46
C ARG A 202 -3.99 -23.09 -5.96
N CYS A 203 -2.99 -22.59 -5.25
CA CYS A 203 -2.95 -22.62 -3.80
C CYS A 203 -3.30 -21.24 -3.24
N TRP A 204 -4.37 -21.20 -2.46
CA TRP A 204 -4.93 -19.95 -1.90
C TRP A 204 -4.61 -19.72 -0.44
N ALA A 205 -4.29 -18.47 -0.10
CA ALA A 205 -4.17 -18.03 1.29
C ALA A 205 -5.08 -16.81 1.42
N LEU A 206 -6.02 -16.88 2.35
CA LEU A 206 -7.00 -15.83 2.54
C LEU A 206 -7.11 -15.43 4.00
N SER A 207 -7.63 -14.22 4.21
CA SER A 207 -7.98 -13.73 5.54
CA SER A 207 -7.97 -13.73 5.55
C SER A 207 -6.80 -13.68 6.53
N PHE A 208 -5.59 -13.39 6.02
CA PHE A 208 -4.42 -13.36 6.90
C PHE A 208 -3.97 -11.94 7.29
N TYR A 209 -3.29 -11.84 8.42
CA TYR A 209 -2.73 -10.59 8.94
C TYR A 209 -1.58 -10.92 9.89
N PRO A 210 -0.43 -10.26 9.75
CA PRO A 210 -0.06 -9.20 8.81
C PRO A 210 0.15 -9.69 7.37
N ALA A 211 0.49 -8.76 6.48
CA ALA A 211 0.55 -9.02 5.04
C ALA A 211 1.68 -9.95 4.61
N GLU A 212 2.79 -9.95 5.36
CA GLU A 212 3.95 -10.78 4.99
C GLU A 212 3.58 -12.26 4.98
N ILE A 213 3.91 -12.93 3.89
CA ILE A 213 3.61 -14.36 3.73
C ILE A 213 4.53 -14.96 2.66
N THR A 214 4.77 -16.25 2.76
CA THR A 214 5.46 -16.99 1.71
C THR A 214 4.63 -18.19 1.29
N LEU A 215 4.45 -18.33 -0.02
CA LEU A 215 3.75 -19.46 -0.63
C LEU A 215 4.66 -19.99 -1.71
N THR A 216 4.91 -21.28 -1.68
CA THR A 216 5.80 -21.90 -2.65
C THR A 216 5.27 -23.27 -3.03
N TRP A 217 5.68 -23.74 -4.20
CA TRP A 217 5.36 -25.08 -4.66
C TRP A 217 6.58 -25.99 -4.57
N GLN A 218 6.36 -27.25 -4.21
CA GLN A 218 7.39 -28.28 -4.33
C GLN A 218 6.91 -29.40 -5.25
N ARG A 219 7.85 -30.02 -5.96
CA ARG A 219 7.57 -31.20 -6.79
C ARG A 219 8.44 -32.34 -6.26
N ASP A 220 7.80 -33.44 -5.85
CA ASP A 220 8.48 -34.56 -5.21
C ASP A 220 9.44 -34.08 -4.11
N GLY A 221 9.04 -33.05 -3.37
CA GLY A 221 9.80 -32.57 -2.23
C GLY A 221 10.93 -31.61 -2.54
N GLU A 222 10.99 -31.11 -3.77
CA GLU A 222 11.97 -30.09 -4.13
C GLU A 222 11.32 -28.84 -4.71
N ASP A 223 11.84 -27.66 -4.37
CA ASP A 223 11.28 -26.39 -4.83
C ASP A 223 11.06 -26.33 -6.35
N GLN A 224 9.89 -25.82 -6.73
CA GLN A 224 9.51 -25.66 -8.12
C GLN A 224 9.13 -24.19 -8.36
N THR A 225 9.92 -23.51 -9.18
CA THR A 225 9.61 -22.15 -9.62
C THR A 225 9.13 -22.11 -11.07
N GLN A 226 9.68 -22.98 -11.92
CA GLN A 226 9.24 -23.05 -13.31
C GLN A 226 7.77 -23.40 -13.43
N ASP A 227 7.11 -22.76 -14.41
CA ASP A 227 5.69 -22.97 -14.70
C ASP A 227 4.79 -22.58 -13.52
N THR A 228 5.25 -21.63 -12.70
CA THR A 228 4.44 -21.13 -11.60
C THR A 228 4.08 -19.67 -11.83
N GLU A 229 3.00 -19.22 -11.18
CA GLU A 229 2.59 -17.82 -11.25
C GLU A 229 2.17 -17.42 -9.83
N LEU A 230 2.78 -16.36 -9.32
CA LEU A 230 2.55 -15.90 -7.95
C LEU A 230 2.04 -14.46 -8.00
N VAL A 231 0.80 -14.22 -7.55
CA VAL A 231 0.25 -12.86 -7.56
C VAL A 231 0.75 -12.04 -6.40
N GLU A 232 0.72 -10.73 -6.59
CA GLU A 232 1.07 -9.76 -5.56
C GLU A 232 0.05 -9.90 -4.42
N THR A 233 0.52 -9.82 -3.19
CA THR A 233 -0.37 -9.83 -2.01
C THR A 233 -1.34 -8.65 -2.12
N ARG A 234 -2.62 -8.92 -1.91
CA ARG A 234 -3.67 -7.92 -2.13
C ARG A 234 -4.58 -7.78 -0.90
N PRO A 235 -5.09 -6.56 -0.66
CA PRO A 235 -6.01 -6.34 0.46
C PRO A 235 -7.39 -6.94 0.17
N ALA A 236 -7.96 -7.62 1.15
CA ALA A 236 -9.34 -8.13 1.06
C ALA A 236 -10.35 -7.00 1.18
N GLY A 237 -10.00 -5.94 1.90
CA GLY A 237 -10.89 -4.80 2.12
C GLY A 237 -11.45 -4.73 3.53
N ASP A 238 -11.24 -5.79 4.32
CA ASP A 238 -11.67 -5.84 5.72
C ASP A 238 -10.47 -5.81 6.69
N GLY A 239 -9.32 -5.38 6.19
CA GLY A 239 -8.11 -5.31 6.99
C GLY A 239 -7.20 -6.53 6.85
N THR A 240 -7.71 -7.61 6.26
CA THR A 240 -6.88 -8.79 6.03
C THR A 240 -6.33 -8.81 4.60
N PHE A 241 -5.52 -9.82 4.29
CA PHE A 241 -4.86 -9.90 2.98
C PHE A 241 -5.09 -11.25 2.31
N GLN A 242 -4.85 -11.30 0.99
CA GLN A 242 -5.00 -12.51 0.18
C GLN A 242 -3.79 -12.68 -0.72
N LYS A 243 -3.51 -13.93 -1.08
CA LYS A 243 -2.48 -14.23 -2.06
C LYS A 243 -2.74 -15.61 -2.62
N TRP A 244 -2.27 -15.84 -3.84
CA TRP A 244 -2.26 -17.18 -4.38
C TRP A 244 -1.03 -17.46 -5.21
N VAL A 245 -0.71 -18.74 -5.35
CA VAL A 245 0.35 -19.22 -6.23
C VAL A 245 -0.17 -20.42 -7.00
N ALA A 246 0.12 -20.48 -8.29
CA ALA A 246 -0.39 -21.54 -9.16
C ALA A 246 0.77 -22.23 -9.87
N VAL A 247 0.57 -23.50 -10.23
CA VAL A 247 1.57 -24.28 -10.99
C VAL A 247 0.83 -25.06 -12.08
N VAL A 248 1.44 -25.14 -13.26
CA VAL A 248 0.95 -25.95 -14.36
C VAL A 248 1.63 -27.31 -14.29
N VAL A 249 0.82 -28.37 -14.36
CA VAL A 249 1.30 -29.74 -14.21
C VAL A 249 0.70 -30.66 -15.28
N PRO A 250 1.38 -31.78 -15.58
CA PRO A 250 0.78 -32.79 -16.47
C PRO A 250 -0.42 -33.44 -15.79
N SER A 251 -1.54 -33.55 -16.49
CA SER A 251 -2.74 -34.24 -15.97
C SER A 251 -2.36 -35.62 -15.45
N GLY A 252 -2.77 -35.91 -14.22
CA GLY A 252 -2.52 -37.19 -13.58
C GLY A 252 -1.38 -37.18 -12.58
N GLN A 253 -0.58 -36.12 -12.60
CA GLN A 253 0.61 -36.02 -11.77
C GLN A 253 0.45 -35.03 -10.62
N GLU A 254 -0.80 -34.58 -10.39
CA GLU A 254 -1.11 -33.61 -9.32
C GLU A 254 -0.52 -33.99 -7.97
N GLN A 255 -0.49 -35.30 -7.68
CA GLN A 255 -0.01 -35.79 -6.38
CA GLN A 255 0.01 -35.87 -6.42
C GLN A 255 1.46 -35.48 -6.09
N ARG A 256 2.25 -35.20 -7.13
CA ARG A 256 3.68 -34.88 -6.93
C ARG A 256 3.89 -33.51 -6.31
N TYR A 257 2.86 -32.67 -6.36
CA TYR A 257 3.04 -31.25 -6.05
C TYR A 257 2.43 -30.91 -4.71
N THR A 258 3.17 -30.16 -3.91
CA THR A 258 2.69 -29.71 -2.63
C THR A 258 2.90 -28.21 -2.52
N CYS A 259 1.93 -27.55 -1.87
CA CYS A 259 2.03 -26.13 -1.60
C CYS A 259 2.43 -25.92 -0.15
N HIS A 260 3.31 -24.95 0.09
CA HIS A 260 3.87 -24.71 1.42
C HIS A 260 3.65 -23.26 1.82
N VAL A 261 3.06 -23.08 3.00
CA VAL A 261 2.66 -21.74 3.45
C VAL A 261 3.39 -21.38 4.73
N GLN A 262 4.08 -20.25 4.70
CA GLN A 262 4.74 -19.69 5.88
CA GLN A 262 4.75 -19.69 5.87
C GLN A 262 4.12 -18.36 6.26
N HIS A 263 3.77 -18.21 7.54
CA HIS A 263 3.15 -16.98 8.04
C HIS A 263 3.38 -16.90 9.55
N GLU A 264 3.47 -15.70 10.11
CA GLU A 264 3.69 -15.57 11.57
C GLU A 264 2.54 -16.07 12.44
N GLY A 265 1.35 -16.20 11.85
CA GLY A 265 0.19 -16.78 12.54
C GLY A 265 0.19 -18.29 12.61
N LEU A 266 1.17 -18.91 11.95
CA LEU A 266 1.32 -20.36 11.94
C LEU A 266 2.63 -20.74 12.65
N PRO A 267 2.55 -21.54 13.73
CA PRO A 267 3.77 -21.95 14.44
C PRO A 267 4.66 -22.85 13.58
N LYS A 268 4.01 -23.79 12.87
CA LYS A 268 4.66 -24.64 11.88
C LYS A 268 4.26 -24.20 10.47
N PRO A 269 5.20 -24.28 9.50
CA PRO A 269 4.77 -24.12 8.11
C PRO A 269 3.73 -25.19 7.74
N LEU A 270 2.75 -24.80 6.94
CA LEU A 270 1.63 -25.66 6.53
C LEU A 270 1.91 -26.25 5.14
N THR A 271 1.43 -27.47 4.92
CA THR A 271 1.53 -28.15 3.62
C THR A 271 0.14 -28.54 3.10
N LEU A 272 -0.10 -28.33 1.80
CA LEU A 272 -1.34 -28.74 1.15
C LEU A 272 -1.06 -29.60 -0.09
N ARG A 273 -2.02 -30.46 -0.43
CA ARG A 273 -1.94 -31.37 -1.58
C ARG A 273 -3.31 -31.46 -2.27
N TRP A 274 -3.32 -31.81 -3.56
CA TRP A 274 -4.56 -32.07 -4.27
C TRP A 274 -5.01 -33.52 -4.06
N MET B 1 9.46 12.57 -17.62
CA MET B 1 8.60 11.97 -16.55
C MET B 1 8.72 10.44 -16.54
N ILE B 2 8.88 9.88 -15.34
CA ILE B 2 8.73 8.45 -15.18
C ILE B 2 7.26 8.10 -15.36
N GLN B 3 7.00 7.02 -16.09
CA GLN B 3 5.64 6.56 -16.26
C GLN B 3 5.59 5.05 -16.09
N ARG B 4 4.77 4.62 -15.15
CA ARG B 4 4.61 3.21 -14.82
C ARG B 4 3.14 2.82 -15.00
N THR B 5 2.93 1.69 -15.68
CA THR B 5 1.58 1.20 -16.01
CA THR B 5 1.57 1.24 -15.99
C THR B 5 0.97 0.41 -14.85
N PRO B 6 -0.34 0.59 -14.58
CA PRO B 6 -0.89 -0.16 -13.43
C PRO B 6 -1.06 -1.66 -13.65
N LYS B 7 -0.77 -2.42 -12.59
CA LYS B 7 -1.17 -3.82 -12.52
C LYS B 7 -2.58 -3.83 -11.94
N ILE B 8 -3.39 -4.79 -12.37
CA ILE B 8 -4.81 -4.86 -11.98
C ILE B 8 -5.16 -6.27 -11.51
N GLN B 9 -5.75 -6.38 -10.33
CA GLN B 9 -6.43 -7.60 -9.91
C GLN B 9 -7.90 -7.28 -9.60
N VAL B 10 -8.80 -8.15 -10.07
CA VAL B 10 -10.23 -8.04 -9.77
C VAL B 10 -10.64 -9.31 -9.03
N TYR B 11 -11.31 -9.16 -7.90
CA TYR B 11 -11.56 -10.29 -7.01
C TYR B 11 -12.59 -9.93 -5.96
N SER B 12 -13.13 -10.95 -5.28
CA SER B 12 -14.08 -10.68 -4.18
C SER B 12 -13.39 -10.70 -2.81
N ARG B 13 -13.97 -9.97 -1.86
CA ARG B 13 -13.45 -9.90 -0.47
C ARG B 13 -13.56 -11.26 0.21
N HIS B 14 -14.75 -11.86 0.10
CA HIS B 14 -15.03 -13.17 0.66
C HIS B 14 -15.25 -14.18 -0.45
N PRO B 15 -15.09 -15.48 -0.14
CA PRO B 15 -15.37 -16.56 -1.10
C PRO B 15 -16.73 -16.35 -1.77
N ALA B 16 -16.79 -16.45 -3.10
CA ALA B 16 -17.98 -16.04 -3.84
C ALA B 16 -19.04 -17.14 -3.91
N GLU B 17 -20.24 -16.81 -3.46
CA GLU B 17 -21.39 -17.72 -3.47
C GLU B 17 -22.64 -16.95 -3.93
N ASN B 18 -23.34 -17.48 -4.93
CA ASN B 18 -24.55 -16.85 -5.46
C ASN B 18 -25.59 -16.58 -4.38
N GLY B 19 -26.21 -15.41 -4.44
CA GLY B 19 -27.22 -15.02 -3.47
C GLY B 19 -26.68 -14.52 -2.15
N LYS B 20 -25.35 -14.52 -1.99
CA LYS B 20 -24.76 -14.10 -0.71
C LYS B 20 -23.95 -12.81 -0.86
N SER B 21 -24.38 -11.76 -0.14
CA SER B 21 -23.75 -10.44 -0.19
CA SER B 21 -23.76 -10.44 -0.19
C SER B 21 -22.24 -10.54 -0.02
N ASN B 22 -21.51 -9.69 -0.75
CA ASN B 22 -20.05 -9.77 -0.80
C ASN B 22 -19.55 -8.39 -1.24
N PHE B 23 -18.24 -8.27 -1.48
CA PHE B 23 -17.65 -7.05 -2.01
C PHE B 23 -16.80 -7.36 -3.23
N LEU B 24 -16.96 -6.56 -4.28
CA LEU B 24 -16.14 -6.71 -5.48
C LEU B 24 -15.01 -5.69 -5.40
N ASN B 25 -13.77 -6.17 -5.59
CA ASN B 25 -12.56 -5.37 -5.47
C ASN B 25 -11.83 -5.21 -6.80
N CYS B 26 -11.33 -4.01 -7.06
CA CYS B 26 -10.36 -3.77 -8.10
C CYS B 26 -9.14 -3.10 -7.49
N TYR B 27 -8.05 -3.87 -7.41
CA TYR B 27 -6.80 -3.41 -6.82
C TYR B 27 -5.86 -2.99 -7.95
N VAL B 28 -5.49 -1.72 -7.93
CA VAL B 28 -4.60 -1.18 -8.96
C VAL B 28 -3.31 -0.74 -8.28
N SER B 29 -2.17 -1.19 -8.81
CA SER B 29 -0.89 -0.91 -8.15
C SER B 29 0.25 -0.69 -9.14
N GLY B 30 1.42 -0.31 -8.63
CA GLY B 30 2.63 -0.16 -9.46
C GLY B 30 2.60 0.94 -10.50
N PHE B 31 1.72 1.92 -10.33
CA PHE B 31 1.57 2.97 -11.35
C PHE B 31 2.13 4.32 -10.94
N HIS B 32 2.45 5.12 -11.94
CA HIS B 32 2.92 6.50 -11.77
C HIS B 32 2.77 7.20 -13.11
N PRO B 33 2.26 8.45 -13.11
CA PRO B 33 1.81 9.28 -12.00
C PRO B 33 0.49 8.81 -11.36
N SER B 34 0.01 9.54 -10.34
CA SER B 34 -1.12 9.09 -9.52
C SER B 34 -2.52 9.20 -10.13
N ASP B 35 -2.71 10.09 -11.10
CA ASP B 35 -4.03 10.20 -11.72
C ASP B 35 -4.42 8.92 -12.45
N ILE B 36 -5.61 8.41 -12.13
CA ILE B 36 -6.06 7.14 -12.69
C ILE B 36 -7.58 7.11 -12.71
N GLU B 37 -8.15 6.45 -13.71
CA GLU B 37 -9.60 6.26 -13.78
C GLU B 37 -9.91 4.77 -13.58
N VAL B 38 -10.72 4.45 -12.59
CA VAL B 38 -11.06 3.05 -12.32
C VAL B 38 -12.57 2.96 -12.19
N ASP B 39 -13.17 2.08 -12.98
CA ASP B 39 -14.60 1.79 -12.89
C ASP B 39 -14.84 0.30 -12.67
N LEU B 40 -15.84 -0.01 -11.85
CA LEU B 40 -16.34 -1.38 -11.75
C LEU B 40 -17.56 -1.52 -12.66
N LEU B 41 -17.58 -2.60 -13.43
CA LEU B 41 -18.65 -2.84 -14.41
C LEU B 41 -19.50 -4.06 -14.05
N LYS B 42 -20.82 -3.90 -14.18
CA LYS B 42 -21.78 -4.99 -14.09
C LYS B 42 -22.42 -5.18 -15.47
N ASN B 43 -22.15 -6.33 -16.09
CA ASN B 43 -22.61 -6.63 -17.45
C ASN B 43 -22.28 -5.51 -18.46
N GLY B 44 -21.11 -4.91 -18.29
CA GLY B 44 -20.62 -3.84 -19.17
C GLY B 44 -21.04 -2.42 -18.79
N GLU B 45 -21.93 -2.31 -17.80
CA GLU B 45 -22.42 -1.00 -17.37
C GLU B 45 -21.69 -0.55 -16.10
N ARG B 46 -21.28 0.73 -16.09
CA ARG B 46 -20.57 1.32 -14.96
C ARG B 46 -21.42 1.28 -13.68
N ILE B 47 -20.84 0.76 -12.60
CA ILE B 47 -21.48 0.75 -11.28
C ILE B 47 -21.29 2.11 -10.63
N GLU B 48 -22.37 2.66 -10.07
CA GLU B 48 -22.37 4.02 -9.52
C GLU B 48 -21.86 4.15 -8.08
N LYS B 49 -22.18 3.18 -7.23
CA LYS B 49 -21.76 3.28 -5.83
C LYS B 49 -20.44 2.55 -5.59
N VAL B 50 -19.34 3.20 -6.00
CA VAL B 50 -17.99 2.63 -5.83
C VAL B 50 -17.11 3.52 -4.93
N GLU B 51 -16.51 2.93 -3.90
CA GLU B 51 -15.61 3.67 -3.04
C GLU B 51 -14.16 3.28 -3.30
N HIS B 52 -13.23 4.08 -2.82
CA HIS B 52 -11.82 3.75 -2.96
C HIS B 52 -11.00 4.12 -1.73
N SER B 53 -9.88 3.42 -1.56
CA SER B 53 -8.97 3.67 -0.46
C SER B 53 -8.26 5.01 -0.65
N ASP B 54 -7.59 5.49 0.40
CA ASP B 54 -6.74 6.66 0.32
C ASP B 54 -5.41 6.31 -0.35
N LEU B 55 -5.03 7.15 -1.30
CA LEU B 55 -3.79 6.99 -2.06
C LEU B 55 -2.57 6.78 -1.17
N SER B 56 -1.84 5.71 -1.45
CA SER B 56 -0.58 5.42 -0.79
C SER B 56 0.38 4.87 -1.84
N PHE B 57 1.58 4.52 -1.41
CA PHE B 57 2.60 4.06 -2.36
C PHE B 57 3.57 3.08 -1.68
N SER B 58 4.22 2.28 -2.52
CA SER B 58 5.21 1.29 -2.09
CA SER B 58 5.20 1.30 -2.06
C SER B 58 6.60 1.94 -1.99
N LYS B 59 7.57 1.17 -1.50
CA LYS B 59 8.98 1.57 -1.39
C LYS B 59 9.56 2.20 -2.65
N ASP B 60 9.22 1.62 -3.81
CA ASP B 60 9.71 2.11 -5.10
C ASP B 60 8.96 3.35 -5.60
N TRP B 61 8.13 3.91 -4.72
CA TRP B 61 7.35 5.13 -4.99
C TRP B 61 6.11 4.94 -5.89
N SER B 62 5.86 3.72 -6.36
CA SER B 62 4.66 3.48 -7.17
C SER B 62 3.37 3.44 -6.32
N PHE B 63 2.29 3.91 -6.90
CA PHE B 63 1.03 4.11 -6.19
C PHE B 63 0.18 2.86 -6.19
N TYR B 64 -0.70 2.75 -5.19
CA TYR B 64 -1.73 1.72 -5.19
C TYR B 64 -3.04 2.24 -4.59
N LEU B 65 -4.14 1.70 -5.11
CA LEU B 65 -5.49 2.03 -4.65
C LEU B 65 -6.35 0.80 -4.76
N LEU B 66 -7.28 0.66 -3.82
CA LEU B 66 -8.31 -0.36 -3.89
C LEU B 66 -9.66 0.32 -4.15
N TYR B 67 -10.34 -0.10 -5.22
CA TYR B 67 -11.73 0.31 -5.50
C TYR B 67 -12.64 -0.84 -5.15
N TYR B 68 -13.78 -0.55 -4.55
CA TYR B 68 -14.66 -1.61 -4.05
C TYR B 68 -16.12 -1.22 -4.01
N THR B 69 -16.99 -2.21 -4.18
CA THR B 69 -18.41 -2.02 -4.10
C THR B 69 -19.11 -3.28 -3.54
N GLU B 70 -20.20 -3.06 -2.82
CA GLU B 70 -21.08 -4.14 -2.38
C GLU B 70 -21.73 -4.79 -3.59
N PHE B 71 -21.73 -6.11 -3.62
CA PHE B 71 -22.46 -6.84 -4.64
C PHE B 71 -22.96 -8.21 -4.17
N THR B 72 -23.98 -8.70 -4.85
CA THR B 72 -24.50 -10.04 -4.59
C THR B 72 -24.34 -10.83 -5.89
N PRO B 73 -23.37 -11.74 -5.92
CA PRO B 73 -23.17 -12.54 -7.12
C PRO B 73 -24.41 -13.37 -7.50
N THR B 74 -24.63 -13.51 -8.80
CA THR B 74 -25.62 -14.43 -9.35
C THR B 74 -24.92 -15.25 -10.42
N GLU B 75 -25.55 -16.34 -10.86
CA GLU B 75 -24.97 -17.21 -11.89
C GLU B 75 -24.66 -16.45 -13.18
N LYS B 76 -25.56 -15.56 -13.57
CA LYS B 76 -25.53 -14.93 -14.89
C LYS B 76 -24.78 -13.60 -14.98
N ASP B 77 -24.66 -12.88 -13.87
CA ASP B 77 -24.07 -11.54 -13.92
C ASP B 77 -22.56 -11.56 -14.09
N GLU B 78 -22.07 -10.79 -15.06
CA GLU B 78 -20.63 -10.73 -15.31
C GLU B 78 -20.05 -9.41 -14.77
N TYR B 79 -18.90 -9.51 -14.12
CA TYR B 79 -18.29 -8.33 -13.48
C TYR B 79 -16.89 -8.09 -14.00
N ALA B 80 -16.49 -6.82 -14.02
CA ALA B 80 -15.18 -6.42 -14.51
C ALA B 80 -14.73 -5.09 -13.91
N CYS B 81 -13.45 -4.81 -14.12
CA CYS B 81 -12.87 -3.53 -13.74
C CYS B 81 -12.25 -2.89 -14.97
N ARG B 82 -12.59 -1.62 -15.20
CA ARG B 82 -12.06 -0.84 -16.33
C ARG B 82 -11.11 0.25 -15.82
N VAL B 83 -9.87 0.21 -16.32
CA VAL B 83 -8.81 1.13 -15.87
C VAL B 83 -8.30 1.97 -17.03
N ASN B 84 -8.26 3.29 -16.83
CA ASN B 84 -7.49 4.14 -17.73
C ASN B 84 -6.42 4.95 -16.99
N HIS B 85 -5.29 5.14 -17.67
CA HIS B 85 -4.12 5.81 -17.12
C HIS B 85 -3.34 6.39 -18.31
N VAL B 86 -2.53 7.42 -18.06
CA VAL B 86 -1.75 8.05 -19.13
C VAL B 86 -0.93 7.03 -19.94
N THR B 87 -0.50 5.96 -19.27
CA THR B 87 0.32 4.93 -19.90
C THR B 87 -0.47 4.00 -20.82
N LEU B 88 -1.80 4.06 -20.77
CA LEU B 88 -2.64 3.15 -21.55
C LEU B 88 -3.27 3.84 -22.76
N SER B 89 -3.16 3.20 -23.92
CA SER B 89 -3.71 3.71 -25.19
C SER B 89 -5.23 3.59 -25.22
N GLN B 90 -5.72 2.44 -24.75
CA GLN B 90 -7.16 2.21 -24.59
CA GLN B 90 -7.15 2.21 -24.60
C GLN B 90 -7.40 1.79 -23.15
N PRO B 91 -8.61 2.04 -22.61
CA PRO B 91 -8.86 1.50 -21.26
C PRO B 91 -8.59 0.00 -21.22
N LYS B 92 -8.06 -0.48 -20.10
CA LYS B 92 -7.85 -1.92 -19.92
C LYS B 92 -8.97 -2.49 -19.07
N ILE B 93 -9.57 -3.57 -19.55
CA ILE B 93 -10.66 -4.25 -18.84
C ILE B 93 -10.21 -5.62 -18.37
N VAL B 94 -10.42 -5.89 -17.09
CA VAL B 94 -10.11 -7.19 -16.53
C VAL B 94 -11.40 -7.76 -15.96
N LYS B 95 -11.76 -8.97 -16.40
CA LYS B 95 -12.98 -9.64 -15.97
C LYS B 95 -12.76 -10.34 -14.64
N TRP B 96 -13.80 -10.34 -13.81
CA TRP B 96 -13.77 -11.09 -12.59
C TRP B 96 -13.98 -12.56 -12.91
N ASP B 97 -13.06 -13.38 -12.42
CA ASP B 97 -13.12 -14.82 -12.60
C ASP B 97 -13.26 -15.41 -11.21
N ARG B 98 -14.48 -15.84 -10.89
CA ARG B 98 -14.82 -16.42 -9.58
C ARG B 98 -14.31 -17.85 -9.44
N ASP B 99 -13.98 -18.46 -10.57
CA ASP B 99 -13.56 -19.86 -10.62
C ASP B 99 -12.11 -20.12 -10.20
N MET B 100 -11.27 -19.09 -10.21
CA MET B 100 -9.84 -19.20 -9.85
C MET B 100 -9.58 -19.99 -8.57
N ASN C 1 1.56 9.72 15.63
CA ASN C 1 1.94 11.11 16.00
C ASN C 1 2.96 11.67 15.00
N LEU C 2 2.55 12.69 14.24
CA LEU C 2 3.39 13.27 13.16
C LEU C 2 4.60 14.03 13.70
N VAL C 3 5.66 14.08 12.87
CA VAL C 3 6.84 14.87 13.22
C VAL C 3 6.43 16.35 13.38
N PRO C 4 6.94 17.04 14.41
CA PRO C 4 6.54 18.42 14.65
C PRO C 4 6.84 19.39 13.50
N VAL C 5 7.98 19.18 12.83
CA VAL C 5 8.46 20.13 11.84
C VAL C 5 8.96 19.40 10.58
N VAL C 6 8.59 19.90 9.42
CA VAL C 6 9.06 19.38 8.16
C VAL C 6 9.77 20.49 7.38
N ALA C 7 11.10 20.36 7.26
CA ALA C 7 11.91 21.36 6.55
C ALA C 7 11.59 21.36 5.06
N THR C 8 11.68 22.54 4.45
CA THR C 8 11.46 22.67 3.02
CA THR C 8 11.47 22.70 3.01
C THR C 8 12.76 22.39 2.25
N VAL C 9 12.64 21.90 1.02
CA VAL C 9 13.82 21.59 0.18
C VAL C 9 14.57 22.80 -0.39
#